data_4LM6
#
_entry.id   4LM6
#
_cell.length_a   132.081
_cell.length_b   132.081
_cell.length_c   64.362
_cell.angle_alpha   90.00
_cell.angle_beta   90.00
_cell.angle_gamma   120.00
#
_symmetry.space_group_name_H-M   'P 63'
#
loop_
_entity.id
_entity.type
_entity.pdbx_description
1 polymer 'cryptophyte phycocyanin alpha chain'
2 polymer 'cryptophyte phycocyanin beta chain'
3 non-polymer PHYCOCYANOBILIN
4 non-polymer 15,16-DIHYDROBILIVERDIN
5 water water
#
loop_
_entity_poly.entity_id
_entity_poly.type
_entity_poly.pdbx_seq_one_letter_code
_entity_poly.pdbx_strand_id
1 'polypeptide(L)' KMATDSKAPLIELFDERDGCKGPAANKASDVGEPGLCVKVSMQKVAMNAAAAKSVATNYMRK A,C
2 'polypeptide(L)'
;MLDAFSKVITSADGKAAYVGGADLQALKKFVSDGNKRMDAVNAIVSNASCIVSDAVSGMVCENPALIAPNGGVYSNRKMA
ACLRDAEIILRYVSYSLLSGDSSVLEDRCLNGLKETYASLGVPAAGNARAVAIMKATVNGFINNTAQQKKLSTPAGDCSA
LASEAGGYFDKVSSALA
;
B,D
#
loop_
_chem_comp.id
_chem_comp.type
_chem_comp.name
_chem_comp.formula
CYC non-polymer PHYCOCYANOBILIN 'C33 H40 N4 O6'
DBV non-polymer 15,16-DIHYDROBILIVERDIN 'C33 H36 N4 O6'
#
# COMPACT_ATOMS: atom_id res chain seq x y z
N LYS A 1 -28.38 -5.06 -14.41
CA LYS A 1 -27.27 -6.01 -14.27
C LYS A 1 -26.13 -5.29 -13.59
N MET A 2 -25.12 -6.07 -13.22
CA MET A 2 -23.89 -5.58 -12.61
CA MET A 2 -23.96 -5.50 -12.57
C MET A 2 -23.21 -4.60 -13.53
N ALA A 3 -22.52 -3.63 -12.95
CA ALA A 3 -21.64 -2.79 -13.72
C ALA A 3 -20.48 -3.65 -14.22
N THR A 4 -19.81 -3.16 -15.26
CA THR A 4 -18.62 -3.80 -15.78
C THR A 4 -17.51 -2.75 -15.92
N ASP A 5 -17.57 -1.70 -15.08
CA ASP A 5 -16.56 -0.64 -15.12
C ASP A 5 -15.41 -0.82 -14.13
N SER A 6 -15.39 -1.94 -13.43
CA SER A 6 -14.37 -2.24 -12.44
C SER A 6 -14.30 -1.18 -11.35
N LYS A 7 -15.37 -0.40 -11.15
CA LYS A 7 -15.39 0.58 -10.06
C LYS A 7 -16.06 0.05 -8.79
N ALA A 8 -15.55 0.51 -7.64
CA ALA A 8 -16.11 0.12 -6.36
C ALA A 8 -16.06 1.33 -5.43
N PRO A 9 -16.93 1.36 -4.41
CA PRO A 9 -16.90 2.46 -3.44
C PRO A 9 -15.58 2.43 -2.68
N LEU A 10 -14.85 3.53 -2.74
CA LEU A 10 -13.66 3.70 -1.92
C LEU A 10 -14.05 4.50 -0.69
N ILE A 11 -13.95 3.88 0.48
CA ILE A 11 -14.30 4.56 1.73
C ILE A 11 -13.01 5.03 2.38
N GLU A 12 -12.98 6.31 2.74
CA GLU A 12 -11.87 6.85 3.50
C GLU A 12 -12.43 7.45 4.80
N LEU A 13 -11.83 7.04 5.92
CA LEU A 13 -12.27 7.54 7.22
C LEU A 13 -11.21 8.46 7.78
N PHE A 14 -11.66 9.56 8.37
CA PHE A 14 -10.77 10.53 8.95
C PHE A 14 -11.13 10.74 10.40
N ASP A 15 -10.15 10.49 11.26
CA ASP A 15 -10.25 10.77 12.69
C ASP A 15 -9.03 11.59 13.07
N GLU A 16 -9.27 12.89 13.11
CA GLU A 16 -8.25 13.89 13.34
C GLU A 16 -8.50 14.60 14.66
N ARG A 17 -9.01 13.83 15.62
CA ARG A 17 -9.33 14.38 16.93
C ARG A 17 -8.08 14.75 17.71
N ASP A 18 -6.91 14.28 17.26
CA ASP A 18 -5.66 14.72 17.88
C ASP A 18 -5.27 16.12 17.40
N GLY A 19 -6.07 16.68 16.50
CA GLY A 19 -5.84 18.06 16.06
C GLY A 19 -4.93 18.23 14.87
N CYS A 20 -4.38 17.14 14.32
CA CYS A 20 -3.46 17.27 13.18
C CYS A 20 -4.24 17.25 11.86
N LYS A 21 -4.27 18.39 11.17
CA LYS A 21 -5.11 18.54 9.98
C LYS A 21 -4.32 18.38 8.68
N GLY A 22 -5.02 17.99 7.62
CA GLY A 22 -4.41 17.87 6.32
C GLY A 22 -4.34 19.24 5.69
N PRO A 23 -3.70 19.32 4.54
CA PRO A 23 -3.47 20.58 3.81
C PRO A 23 -4.75 21.21 3.26
N ALA A 24 -5.80 20.43 3.01
CA ALA A 24 -7.04 20.95 2.45
C ALA A 24 -8.05 21.40 3.51
N ALA A 25 -8.77 22.48 3.21
CA ALA A 25 -9.80 22.96 4.12
C ALA A 25 -10.90 21.92 4.30
N ASN A 26 -11.67 22.05 5.38
CA ASN A 26 -12.80 21.17 5.58
C ASN A 26 -13.71 21.15 4.37
N LYS A 27 -14.21 19.98 4.04
CA LYS A 27 -15.12 19.81 2.91
C LYS A 27 -16.53 19.46 3.39
N ALA A 28 -16.72 19.44 4.71
CA ALA A 28 -18.04 19.32 5.34
C ALA A 28 -18.08 20.10 6.64
N SER A 29 -19.28 20.28 7.19
CA SER A 29 -19.43 20.88 8.51
C SER A 29 -19.00 19.85 9.55
N ASP A 30 -18.36 20.32 10.62
CA ASP A 30 -17.88 19.43 11.69
C ASP A 30 -18.74 19.56 12.97
N VAL A 31 -19.64 20.55 12.97
CA VAL A 31 -20.60 20.77 14.05
C VAL A 31 -21.11 19.49 14.73
N GLY A 32 -20.61 19.22 15.94
CA GLY A 32 -21.12 18.13 16.77
C GLY A 32 -20.28 16.86 16.74
N GLU A 33 -19.43 16.74 15.73
CA GLU A 33 -18.61 15.54 15.52
C GLU A 33 -17.20 15.99 15.23
N PRO A 34 -16.59 16.72 16.19
CA PRO A 34 -15.26 17.29 15.94
C PRO A 34 -14.22 16.25 15.51
N GLY A 35 -13.52 16.58 14.42
CA GLY A 35 -12.38 15.82 13.96
C GLY A 35 -12.73 14.57 13.16
N LEU A 36 -14.02 14.34 12.90
CA LEU A 36 -14.45 13.11 12.22
C LEU A 36 -15.06 13.36 10.84
N CYS A 37 -14.76 12.46 9.90
CA CYS A 37 -15.35 12.58 8.58
C CYS A 37 -15.37 11.26 7.85
N VAL A 38 -16.47 10.99 7.16
CA VAL A 38 -16.58 9.81 6.29
C VAL A 38 -16.62 10.28 4.85
N LYS A 39 -15.71 9.77 4.02
CA LYS A 39 -15.66 10.12 2.62
C LYS A 39 -15.86 8.87 1.77
N VAL A 40 -16.75 8.99 0.77
CA VAL A 40 -17.01 7.90 -0.19
C VAL A 40 -16.97 8.42 -1.63
N SER A 41 -16.26 7.70 -2.51
CA SER A 41 -16.28 8.01 -3.92
C SER A 41 -16.22 6.69 -4.69
N MET A 42 -16.68 6.72 -5.93
CA MET A 42 -16.52 5.52 -6.77
C MET A 42 -15.24 5.66 -7.56
N GLN A 43 -14.36 4.65 -7.43
CA GLN A 43 -13.08 4.63 -8.15
C GLN A 43 -12.82 3.29 -8.81
N LYS A 44 -12.15 3.32 -9.96
CA LYS A 44 -11.71 2.08 -10.63
C LYS A 44 -10.70 1.35 -9.75
N VAL A 45 -10.86 0.05 -9.61
CA VAL A 45 -9.86 -0.78 -8.89
C VAL A 45 -8.82 -1.18 -9.94
N ALA A 46 -7.64 -0.58 -9.86
CA ALA A 46 -6.64 -0.74 -10.91
C ALA A 46 -5.99 -2.10 -10.79
N MET A 47 -5.59 -2.65 -11.92
CA MET A 47 -4.76 -3.84 -11.94
C MET A 47 -3.41 -3.50 -11.36
N ASN A 48 -2.89 -4.39 -10.53
CA ASN A 48 -1.62 -4.16 -9.85
C ASN A 48 -0.65 -5.28 -10.16
N ALA A 49 0.20 -5.04 -11.14
CA ALA A 49 1.11 -6.08 -11.62
C ALA A 49 2.08 -6.52 -10.55
N ALA A 50 2.58 -5.58 -9.77
CA ALA A 50 3.54 -5.94 -8.73
C ALA A 50 2.94 -6.92 -7.73
N ALA A 51 1.68 -6.68 -7.35
CA ALA A 51 1.04 -7.54 -6.37
C ALA A 51 0.79 -8.92 -7.00
N ALA A 52 0.41 -8.92 -8.27
CA ALA A 52 0.22 -10.19 -8.98
C ALA A 52 1.52 -11.00 -9.04
N LYS A 53 2.62 -10.34 -9.32
CA LYS A 53 3.91 -11.02 -9.43
C LYS A 53 4.31 -11.56 -8.04
N SER A 54 4.02 -10.79 -7.01
CA SER A 54 4.34 -11.20 -5.65
C SER A 54 3.54 -12.42 -5.26
N VAL A 55 2.25 -12.48 -5.59
CA VAL A 55 1.49 -13.68 -5.20
C VAL A 55 2.06 -14.91 -5.89
N ALA A 56 2.43 -14.80 -7.18
CA ALA A 56 3.00 -15.94 -7.88
C ALA A 56 4.28 -16.43 -7.24
N THR A 57 5.05 -15.50 -6.69
CA THR A 57 6.35 -15.81 -6.11
C THR A 57 6.22 -16.29 -4.67
N ASN A 58 5.23 -15.76 -3.95
CA ASN A 58 5.20 -15.85 -2.50
C ASN A 58 4.01 -16.55 -1.86
N TYR A 59 3.15 -17.14 -2.67
CA TYR A 59 1.92 -17.70 -2.13
C TYR A 59 2.18 -18.74 -1.05
N MET A 60 3.32 -19.42 -1.12
CA MET A 60 3.57 -20.57 -0.25
C MET A 60 4.08 -20.16 1.13
N ARG A 61 4.28 -18.86 1.32
CA ARG A 61 4.64 -18.33 2.63
C ARG A 61 3.48 -17.53 3.23
N LYS A 62 3.08 -17.87 4.45
CA LYS A 62 1.97 -17.20 5.14
C LYS A 62 2.37 -15.81 5.65
N MET B 1 -33.58 2.87 4.02
CA MET B 1 -32.14 2.68 3.74
C MET B 1 -31.37 4.01 3.72
N LEU B 2 -30.10 3.95 4.08
CA LEU B 2 -29.24 5.11 4.06
C LEU B 2 -29.03 5.61 2.62
N ASP B 3 -29.34 6.89 2.39
CA ASP B 3 -29.29 7.46 1.04
C ASP B 3 -28.20 8.53 0.93
N ALA B 4 -27.26 8.54 1.85
CA ALA B 4 -26.20 9.56 1.86
C ALA B 4 -25.29 9.49 0.62
N PHE B 5 -24.99 8.28 0.19
CA PHE B 5 -23.95 8.06 -0.79
C PHE B 5 -24.53 7.65 -2.14
N SER B 6 -25.85 7.54 -2.22
CA SER B 6 -26.48 7.05 -3.44
C SER B 6 -26.11 7.89 -4.64
N LYS B 7 -25.96 9.21 -4.45
CA LYS B 7 -25.69 10.08 -5.58
C LYS B 7 -24.31 9.84 -6.13
N VAL B 8 -23.32 9.67 -5.26
CA VAL B 8 -21.95 9.46 -5.76
C VAL B 8 -21.78 8.05 -6.29
N ILE B 9 -22.56 7.10 -5.77
CA ILE B 9 -22.52 5.76 -6.32
C ILE B 9 -23.14 5.73 -7.71
N THR B 10 -24.27 6.41 -7.87
CA THR B 10 -24.94 6.43 -9.16
C THR B 10 -24.12 7.16 -10.21
N SER B 11 -23.47 8.24 -9.81
CA SER B 11 -22.72 9.03 -10.79
C SER B 11 -21.43 8.29 -11.16
N ALA B 12 -20.89 7.52 -10.22
CA ALA B 12 -19.78 6.61 -10.51
C ALA B 12 -18.67 7.32 -11.29
N ASP B 13 -18.35 8.55 -10.91
CA ASP B 13 -17.45 9.38 -11.70
C ASP B 13 -16.29 9.92 -10.89
N GLY B 14 -16.11 9.41 -9.67
CA GLY B 14 -15.01 9.82 -8.82
C GLY B 14 -15.38 10.96 -7.88
N LYS B 15 -16.53 11.57 -8.08
CA LYS B 15 -16.97 12.61 -7.14
C LYS B 15 -17.18 12.02 -5.75
N ALA B 16 -16.81 12.78 -4.72
CA ALA B 16 -16.88 12.29 -3.35
C ALA B 16 -17.99 12.94 -2.53
N ALA B 17 -18.55 12.17 -1.61
CA ALA B 17 -19.46 12.67 -0.59
C ALA B 17 -18.67 12.72 0.70
N TYR B 18 -18.72 13.88 1.36
CA TYR B 18 -18.05 14.07 2.65
C TYR B 18 -19.12 14.22 3.71
N VAL B 19 -19.11 13.32 4.68
CA VAL B 19 -20.13 13.28 5.71
C VAL B 19 -19.47 13.59 7.04
N GLY B 20 -19.89 14.71 7.63
CA GLY B 20 -19.31 15.16 8.89
C GLY B 20 -20.35 15.94 9.65
N GLY B 21 -20.00 16.34 10.87
CA GLY B 21 -20.87 17.19 11.67
C GLY B 21 -22.27 16.65 11.77
N ALA B 22 -23.26 17.50 11.48
CA ALA B 22 -24.65 17.12 11.58
C ALA B 22 -25.02 15.96 10.65
N ASP B 23 -24.45 15.91 9.45
CA ASP B 23 -24.73 14.82 8.53
C ASP B 23 -24.16 13.48 9.02
N LEU B 24 -23.04 13.55 9.73
CA LEU B 24 -22.45 12.34 10.30
C LEU B 24 -23.22 11.92 11.53
N GLN B 25 -23.65 12.90 12.34
CA GLN B 25 -24.48 12.65 13.51
CA GLN B 25 -24.46 12.64 13.52
C GLN B 25 -25.66 11.82 13.08
N ALA B 26 -26.27 12.26 11.98
CA ALA B 26 -27.48 11.66 11.46
C ALA B 26 -27.21 10.25 11.02
N LEU B 27 -26.18 10.09 10.20
CA LEU B 27 -25.81 8.77 9.72
C LEU B 27 -25.65 7.81 10.90
N LYS B 28 -24.93 8.22 11.94
CA LYS B 28 -24.58 7.32 13.04
C LYS B 28 -25.73 6.98 13.96
N LYS B 29 -26.82 7.75 13.86
CA LYS B 29 -28.05 7.44 14.59
C LYS B 29 -28.99 6.60 13.71
N PHE B 30 -28.92 6.83 12.40
CA PHE B 30 -29.65 6.01 11.43
C PHE B 30 -29.28 4.52 11.55
N VAL B 31 -28.10 4.14 11.05
CA VAL B 31 -27.64 2.75 11.11
C VAL B 31 -27.43 2.34 12.56
N SER B 32 -27.34 1.04 12.80
CA SER B 32 -27.22 0.55 14.17
C SER B 32 -25.76 0.54 14.59
N ASP B 33 -25.51 0.65 15.88
CA ASP B 33 -24.16 0.66 16.46
C ASP B 33 -23.26 1.64 15.70
N GLY B 34 -23.70 2.89 15.59
CA GLY B 34 -23.05 3.83 14.68
C GLY B 34 -21.53 3.95 14.76
N ASN B 35 -21.02 4.31 15.94
CA ASN B 35 -19.58 4.48 16.10
C ASN B 35 -18.82 3.16 15.97
N LYS B 36 -19.35 2.09 16.55
CA LYS B 36 -18.71 0.78 16.40
C LYS B 36 -18.68 0.38 14.93
N ARG B 37 -19.74 0.73 14.20
CA ARG B 37 -19.85 0.38 12.78
C ARG B 37 -18.73 1.07 11.96
N MET B 38 -18.45 2.32 12.29
CA MET B 38 -17.35 3.03 11.63
C MET B 38 -16.02 2.32 11.89
N ASP B 39 -15.82 1.85 13.12
CA ASP B 39 -14.59 1.13 13.44
C ASP B 39 -14.54 -0.21 12.71
N ALA B 40 -15.69 -0.86 12.60
CA ALA B 40 -15.74 -2.15 11.92
C ALA B 40 -15.41 -1.97 10.45
N VAL B 41 -15.93 -0.90 9.87
CA VAL B 41 -15.57 -0.55 8.51
C VAL B 41 -14.07 -0.27 8.38
N ASN B 42 -13.49 0.45 9.35
CA ASN B 42 -12.06 0.74 9.32
C ASN B 42 -11.21 -0.53 9.44
N ALA B 43 -11.74 -1.52 10.14
CA ALA B 43 -11.03 -2.77 10.31
C ALA B 43 -10.85 -3.46 8.95
N ILE B 44 -11.78 -3.21 8.04
CA ILE B 44 -11.67 -3.67 6.66
C ILE B 44 -10.82 -2.75 5.80
N VAL B 45 -11.22 -1.48 5.68
CA VAL B 45 -10.52 -0.58 4.77
C VAL B 45 -9.04 -0.36 5.14
N SER B 46 -8.69 -0.34 6.43
CA SER B 46 -7.29 -0.15 6.83
C SER B 46 -6.43 -1.37 6.57
N ASN B 47 -7.05 -2.47 6.18
CA ASN B 47 -6.35 -3.71 5.89
C ASN B 47 -6.67 -4.27 4.51
N ALA B 48 -7.21 -3.44 3.61
CA ALA B 48 -7.77 -3.96 2.37
C ALA B 48 -6.77 -4.78 1.55
N SER B 49 -5.57 -4.26 1.35
CA SER B 49 -4.58 -4.93 0.51
C SER B 49 -4.18 -6.26 1.11
N CYS B 50 -4.01 -6.28 2.43
CA CYS B 50 -3.61 -7.50 3.12
C CYS B 50 -4.71 -8.56 3.02
N ILE B 51 -5.95 -8.12 3.17
CA ILE B 51 -7.08 -9.06 3.14
C ILE B 51 -7.13 -9.73 1.75
N VAL B 52 -6.97 -8.91 0.72
CA VAL B 52 -7.05 -9.41 -0.65
C VAL B 52 -5.89 -10.34 -0.97
N SER B 53 -4.67 -9.90 -0.68
CA SER B 53 -3.50 -10.69 -1.04
CA SER B 53 -3.48 -10.69 -1.00
C SER B 53 -3.46 -12.01 -0.25
N ASP B 54 -3.87 -11.97 1.02
CA ASP B 54 -3.87 -13.17 1.86
C ASP B 54 -4.88 -14.19 1.36
N ALA B 55 -6.03 -13.70 0.91
CA ALA B 55 -7.10 -14.58 0.43
C ALA B 55 -6.70 -15.23 -0.90
N VAL B 56 -6.21 -14.42 -1.82
CA VAL B 56 -5.85 -14.98 -3.12
C VAL B 56 -4.63 -15.90 -2.94
N SER B 57 -3.69 -15.50 -2.09
CA SER B 57 -2.51 -16.34 -1.84
C SER B 57 -2.90 -17.67 -1.17
N GLY B 58 -3.88 -17.64 -0.28
CA GLY B 58 -4.37 -18.87 0.35
C GLY B 58 -5.09 -19.77 -0.63
N MET B 59 -5.88 -19.16 -1.52
CA MET B 59 -6.55 -19.90 -2.57
C MET B 59 -5.51 -20.69 -3.37
N VAL B 60 -4.41 -20.02 -3.73
CA VAL B 60 -3.35 -20.65 -4.50
C VAL B 60 -2.53 -21.65 -3.67
N CYS B 61 -2.17 -21.29 -2.46
CA CYS B 61 -1.31 -22.16 -1.69
C CYS B 61 -1.99 -23.49 -1.38
N GLU B 62 -3.32 -23.47 -1.26
CA GLU B 62 -4.09 -24.69 -1.03
C GLU B 62 -4.30 -25.49 -2.33
N ASN B 63 -4.18 -24.82 -3.47
CA ASN B 63 -4.31 -25.49 -4.74
C ASN B 63 -3.41 -24.86 -5.79
N PRO B 64 -2.12 -25.18 -5.78
CA PRO B 64 -1.20 -24.47 -6.69
C PRO B 64 -1.40 -24.75 -8.18
N ALA B 65 -2.20 -25.74 -8.54
CA ALA B 65 -2.51 -25.91 -9.95
C ALA B 65 -3.15 -24.64 -10.51
N LEU B 66 -3.69 -23.80 -9.62
CA LEU B 66 -4.33 -22.55 -10.06
C LEU B 66 -3.36 -21.61 -10.79
N ILE B 67 -2.07 -21.78 -10.52
N ILE B 67 -2.06 -21.72 -10.51
CA ILE B 67 -1.01 -20.96 -11.10
CA ILE B 67 -1.05 -20.89 -11.21
C ILE B 67 -0.13 -21.76 -12.06
C ILE B 67 -0.27 -21.65 -12.29
N ALA B 68 -0.68 -22.88 -12.53
CA ALA B 68 -0.07 -23.68 -13.56
C ALA B 68 -0.95 -23.57 -14.81
N PRO B 69 -0.45 -24.05 -15.94
CA PRO B 69 -1.23 -24.01 -17.18
C PRO B 69 -2.68 -24.52 -17.03
N ASN B 70 -3.59 -23.76 -17.63
CA ASN B 70 -5.03 -23.99 -17.57
C ASN B 70 -5.64 -23.56 -16.24
N GLY B 71 -4.80 -23.04 -15.36
CA GLY B 71 -5.24 -22.63 -14.06
C GLY B 71 -5.87 -21.26 -14.10
N GLY B 72 -6.78 -21.03 -13.16
CA GLY B 72 -7.55 -19.81 -13.13
C GLY B 72 -6.74 -18.53 -13.03
N VAL B 73 -5.53 -18.59 -12.46
CA VAL B 73 -4.70 -17.38 -12.30
C VAL B 73 -3.29 -17.60 -12.88
N TYR B 74 -3.23 -18.43 -13.91
CA TYR B 74 -2.01 -18.61 -14.68
C TYR B 74 -1.80 -17.34 -15.50
N SER B 75 -0.58 -16.81 -15.50
CA SER B 75 -0.24 -15.52 -16.12
C SER B 75 -0.52 -14.34 -15.19
N ASN B 76 0.31 -13.31 -15.29
CA ASN B 76 0.16 -12.13 -14.45
C ASN B 76 -1.16 -11.42 -14.70
N ARG B 77 -1.62 -11.40 -15.95
CA ARG B 77 -2.88 -10.77 -16.28
C ARG B 77 -4.03 -11.38 -15.49
N LYS B 78 -4.12 -12.72 -15.50
CA LYS B 78 -5.20 -13.38 -14.77
C LYS B 78 -5.07 -13.19 -13.26
N MET B 79 -3.87 -13.37 -12.70
CA MET B 79 -3.65 -13.14 -11.28
C MET B 79 -4.08 -11.73 -10.92
N ALA B 80 -3.72 -10.75 -11.74
CA ALA B 80 -4.08 -9.36 -11.42
C ALA B 80 -5.60 -9.14 -11.52
N ALA B 81 -6.25 -9.77 -12.50
CA ALA B 81 -7.70 -9.65 -12.62
C ALA B 81 -8.37 -10.26 -11.38
N CYS B 82 -7.79 -11.35 -10.88
CA CYS B 82 -8.36 -12.01 -9.71
C CYS B 82 -8.20 -11.14 -8.44
N LEU B 83 -7.01 -10.59 -8.23
CA LEU B 83 -6.77 -9.68 -7.12
C LEU B 83 -7.67 -8.45 -7.20
N ARG B 84 -7.87 -7.93 -8.41
CA ARG B 84 -8.77 -6.83 -8.65
C ARG B 84 -10.18 -7.23 -8.20
N ASP B 85 -10.67 -8.41 -8.63
CA ASP B 85 -12.03 -8.80 -8.29
C ASP B 85 -12.18 -8.96 -6.78
N ALA B 86 -11.20 -9.57 -6.15
CA ALA B 86 -11.24 -9.79 -4.72
C ALA B 86 -11.39 -8.43 -4.02
N GLU B 87 -10.63 -7.44 -4.48
CA GLU B 87 -10.72 -6.10 -3.90
C GLU B 87 -12.06 -5.42 -4.23
N ILE B 88 -12.55 -5.61 -5.46
CA ILE B 88 -13.87 -5.09 -5.79
C ILE B 88 -14.92 -5.64 -4.83
N ILE B 89 -14.93 -6.96 -4.68
CA ILE B 89 -15.91 -7.61 -3.82
C ILE B 89 -15.77 -7.12 -2.38
N LEU B 90 -14.55 -7.10 -1.86
CA LEU B 90 -14.30 -6.63 -0.50
C LEU B 90 -14.84 -5.22 -0.29
N ARG B 91 -14.61 -4.33 -1.26
CA ARG B 91 -15.05 -2.97 -1.10
CA ARG B 91 -15.06 -2.95 -1.18
C ARG B 91 -16.58 -2.83 -1.14
N TYR B 92 -17.27 -3.65 -1.93
CA TYR B 92 -18.74 -3.65 -1.92
C TYR B 92 -19.25 -4.19 -0.60
N VAL B 93 -18.52 -5.14 -0.02
CA VAL B 93 -18.85 -5.64 1.32
C VAL B 93 -18.60 -4.53 2.37
N SER B 94 -17.47 -3.82 2.26
CA SER B 94 -17.20 -2.76 3.21
C SER B 94 -18.24 -1.64 3.13
N TYR B 95 -18.71 -1.34 1.92
CA TYR B 95 -19.75 -0.33 1.75
C TYR B 95 -21.10 -0.83 2.32
N SER B 96 -21.36 -2.12 2.17
CA SER B 96 -22.57 -2.72 2.74
C SER B 96 -22.55 -2.53 4.26
N LEU B 97 -21.37 -2.70 4.86
CA LEU B 97 -21.25 -2.56 6.30
C LEU B 97 -21.38 -1.10 6.74
N LEU B 98 -20.90 -0.18 5.91
CA LEU B 98 -20.99 1.25 6.18
C LEU B 98 -22.43 1.72 6.05
N SER B 99 -23.12 1.23 5.03
CA SER B 99 -24.45 1.76 4.70
C SER B 99 -25.54 1.03 5.48
N GLY B 100 -25.25 -0.18 5.91
CA GLY B 100 -26.21 -0.99 6.65
C GLY B 100 -27.11 -1.82 5.76
N ASP B 101 -26.85 -1.83 4.45
CA ASP B 101 -27.55 -2.78 3.57
C ASP B 101 -26.70 -3.25 2.39
N SER B 102 -27.18 -4.29 1.72
CA SER B 102 -26.45 -4.95 0.63
C SER B 102 -27.00 -4.65 -0.78
N SER B 103 -27.84 -3.63 -0.90
CA SER B 103 -28.49 -3.31 -2.17
C SER B 103 -27.49 -3.02 -3.29
N VAL B 104 -26.49 -2.18 -3.02
CA VAL B 104 -25.51 -1.86 -4.04
C VAL B 104 -24.62 -3.08 -4.37
N LEU B 105 -24.18 -3.79 -3.34
CA LEU B 105 -23.43 -5.01 -3.55
C LEU B 105 -24.21 -5.97 -4.45
N GLU B 106 -25.49 -6.13 -4.18
CA GLU B 106 -26.26 -7.11 -4.96
C GLU B 106 -26.52 -6.60 -6.39
N ASP B 107 -26.92 -5.35 -6.51
CA ASP B 107 -27.33 -4.78 -7.78
C ASP B 107 -26.16 -4.45 -8.70
N ARG B 108 -25.12 -3.85 -8.15
CA ARG B 108 -24.04 -3.32 -8.99
C ARG B 108 -22.89 -4.32 -9.12
N CYS B 109 -22.75 -5.21 -8.14
CA CYS B 109 -21.59 -6.10 -8.13
C CYS B 109 -21.94 -7.56 -8.42
N LEU B 110 -23.02 -8.08 -7.85
CA LEU B 110 -23.29 -9.54 -7.92
C LEU B 110 -24.23 -9.96 -9.04
N ASN B 111 -25.12 -9.05 -9.44
CA ASN B 111 -26.14 -9.43 -10.43
C ASN B 111 -25.55 -9.75 -11.79
N GLY B 112 -25.49 -11.05 -12.11
CA GLY B 112 -24.90 -11.48 -13.36
C GLY B 112 -23.48 -11.98 -13.23
N LEU B 113 -22.92 -11.92 -12.03
CA LEU B 113 -21.51 -12.25 -11.84
C LEU B 113 -21.21 -13.74 -12.04
N LYS B 114 -22.09 -14.59 -11.51
CA LYS B 114 -21.96 -16.04 -11.70
C LYS B 114 -21.89 -16.36 -13.19
N GLU B 115 -22.78 -15.75 -13.96
CA GLU B 115 -22.84 -16.05 -15.38
C GLU B 115 -21.59 -15.57 -16.08
N THR B 116 -21.08 -14.40 -15.66
CA THR B 116 -19.85 -13.86 -16.21
C THR B 116 -18.65 -14.79 -15.94
N TYR B 117 -18.54 -15.25 -14.70
CA TYR B 117 -17.45 -16.16 -14.37
C TYR B 117 -17.56 -17.48 -15.17
N ALA B 118 -18.79 -17.96 -15.37
CA ALA B 118 -19.00 -19.22 -16.10
C ALA B 118 -18.52 -19.09 -17.54
N SER B 119 -18.84 -17.97 -18.17
CA SER B 119 -18.46 -17.74 -19.56
C SER B 119 -16.95 -17.66 -19.72
N LEU B 120 -16.26 -17.30 -18.64
CA LEU B 120 -14.82 -17.11 -18.70
C LEU B 120 -14.09 -18.32 -18.16
N GLY B 121 -14.82 -19.24 -17.54
CA GLY B 121 -14.22 -20.41 -16.93
C GLY B 121 -13.45 -20.10 -15.65
N VAL B 122 -13.92 -19.07 -14.93
CA VAL B 122 -13.36 -18.76 -13.62
C VAL B 122 -13.76 -19.85 -12.61
N PRO B 123 -12.77 -20.49 -12.01
CA PRO B 123 -13.11 -21.70 -11.25
C PRO B 123 -13.89 -21.40 -9.97
N ALA B 124 -15.05 -22.03 -9.82
CA ALA B 124 -15.94 -21.79 -8.70
C ALA B 124 -15.32 -22.17 -7.34
N ALA B 125 -14.63 -23.31 -7.27
CA ALA B 125 -14.05 -23.75 -6.01
C ALA B 125 -13.01 -22.73 -5.52
N GLY B 126 -12.14 -22.30 -6.42
CA GLY B 126 -11.14 -21.30 -6.05
C GLY B 126 -11.79 -20.01 -5.58
N ASN B 127 -12.82 -19.56 -6.30
CA ASN B 127 -13.52 -18.34 -5.94
C ASN B 127 -14.16 -18.48 -4.56
N ALA B 128 -14.80 -19.62 -4.31
CA ALA B 128 -15.45 -19.81 -3.03
C ALA B 128 -14.42 -19.78 -1.90
N ARG B 129 -13.25 -20.35 -2.13
CA ARG B 129 -12.25 -20.31 -1.08
C ARG B 129 -11.72 -18.89 -0.85
N ALA B 130 -11.50 -18.13 -1.91
CA ALA B 130 -10.98 -16.77 -1.76
C ALA B 130 -11.97 -15.98 -0.91
N VAL B 131 -13.25 -16.12 -1.20
CA VAL B 131 -14.30 -15.42 -0.46
C VAL B 131 -14.27 -15.89 1.02
N ALA B 132 -14.16 -17.20 1.22
CA ALA B 132 -14.14 -17.78 2.57
C ALA B 132 -12.98 -17.23 3.39
N ILE B 133 -11.81 -17.09 2.76
CA ILE B 133 -10.64 -16.59 3.50
C ILE B 133 -10.87 -15.12 3.80
N MET B 134 -11.39 -14.34 2.84
CA MET B 134 -11.68 -12.93 3.14
C MET B 134 -12.67 -12.81 4.30
N LYS B 135 -13.71 -13.63 4.30
CA LYS B 135 -14.71 -13.61 5.37
C LYS B 135 -14.05 -13.84 6.74
N ALA B 136 -13.21 -14.85 6.82
CA ALA B 136 -12.59 -15.18 8.10
C ALA B 136 -11.62 -14.08 8.53
N THR B 137 -10.91 -13.51 7.57
CA THR B 137 -9.92 -12.49 7.86
C THR B 137 -10.62 -11.22 8.35
N VAL B 138 -11.69 -10.84 7.66
CA VAL B 138 -12.45 -9.65 8.05
C VAL B 138 -13.00 -9.86 9.47
N ASN B 139 -13.47 -11.06 9.78
CA ASN B 139 -13.98 -11.38 11.11
C ASN B 139 -12.91 -11.14 12.18
N GLY B 140 -11.71 -11.61 11.89
CA GLY B 140 -10.59 -11.39 12.81
C GLY B 140 -10.22 -9.94 12.97
N PHE B 141 -10.26 -9.19 11.87
CA PHE B 141 -9.93 -7.77 11.98
C PHE B 141 -11.03 -6.99 12.72
N ILE B 142 -12.30 -7.32 12.45
CA ILE B 142 -13.39 -6.64 13.16
C ILE B 142 -13.32 -6.89 14.67
N ASN B 143 -13.08 -8.13 15.04
CA ASN B 143 -13.00 -8.53 16.45
C ASN B 143 -11.68 -8.22 17.09
N ASN B 144 -10.75 -7.73 16.26
CA ASN B 144 -9.39 -7.35 16.67
C ASN B 144 -8.59 -8.52 17.26
N THR B 145 -8.85 -9.72 16.76
CA THR B 145 -8.13 -10.92 17.16
C THR B 145 -6.98 -11.26 16.19
N ALA B 146 -6.80 -10.44 15.15
CA ALA B 146 -5.70 -10.64 14.20
C ALA B 146 -4.42 -10.63 14.98
N GLN B 147 -3.45 -11.44 14.56
CA GLN B 147 -2.26 -11.68 15.37
CA GLN B 147 -2.27 -11.65 15.39
C GLN B 147 -1.16 -10.64 15.10
N GLN B 148 -1.15 -10.04 13.93
CA GLN B 148 -0.05 -9.12 13.62
C GLN B 148 -0.46 -7.65 13.64
N LYS B 149 -1.54 -7.30 12.94
CA LYS B 149 -1.90 -5.90 12.80
C LYS B 149 -3.26 -5.64 13.42
N LYS B 150 -3.25 -4.99 14.58
CA LYS B 150 -4.46 -4.63 15.28
C LYS B 150 -4.82 -3.17 15.08
N LEU B 151 -6.01 -2.83 15.58
CA LEU B 151 -6.59 -1.50 15.51
C LEU B 151 -7.00 -1.07 16.92
N SER B 152 -6.59 0.13 17.32
CA SER B 152 -6.92 0.64 18.65
C SER B 152 -8.34 1.18 18.67
N THR B 153 -9.18 0.60 19.54
CA THR B 153 -10.55 1.07 19.73
C THR B 153 -10.88 0.96 21.20
N PRO B 154 -11.92 1.69 21.64
CA PRO B 154 -12.36 1.55 23.04
C PRO B 154 -12.85 0.14 23.28
N ALA B 155 -12.54 -0.44 24.44
CA ALA B 155 -12.99 -1.78 24.79
C ALA B 155 -14.51 -1.99 24.62
N GLY B 156 -14.88 -3.05 23.94
CA GLY B 156 -16.29 -3.43 23.88
C GLY B 156 -16.55 -4.59 22.95
N ASP B 157 -17.81 -4.72 22.54
CA ASP B 157 -18.24 -5.86 21.75
C ASP B 157 -18.80 -5.48 20.40
N CYS B 158 -18.22 -6.05 19.35
CA CYS B 158 -18.72 -5.82 18.00
C CYS B 158 -19.25 -7.11 17.35
N SER B 159 -19.75 -8.05 18.14
CA SER B 159 -20.17 -9.33 17.57
C SER B 159 -21.34 -9.17 16.61
N ALA B 160 -22.25 -8.26 16.90
CA ALA B 160 -23.38 -8.04 15.99
C ALA B 160 -22.83 -7.55 14.64
N LEU B 161 -21.94 -6.59 14.68
CA LEU B 161 -21.39 -6.05 13.43
C LEU B 161 -20.62 -7.12 12.69
N ALA B 162 -19.86 -7.95 13.43
CA ALA B 162 -19.10 -9.00 12.79
C ALA B 162 -20.04 -9.97 12.04
N SER B 163 -21.17 -10.29 12.65
CA SER B 163 -22.13 -11.21 12.04
C SER B 163 -22.70 -10.58 10.80
N GLU B 164 -22.98 -9.28 10.88
CA GLU B 164 -23.54 -8.56 9.75
C GLU B 164 -22.57 -8.63 8.58
N ALA B 165 -21.29 -8.34 8.84
CA ALA B 165 -20.25 -8.45 7.80
C ALA B 165 -20.22 -9.85 7.21
N GLY B 166 -20.32 -10.87 8.06
CA GLY B 166 -20.33 -12.25 7.61
C GLY B 166 -21.49 -12.47 6.65
N GLY B 167 -22.64 -11.90 7.01
CA GLY B 167 -23.84 -12.01 6.20
C GLY B 167 -23.66 -11.45 4.80
N TYR B 168 -22.87 -10.38 4.70
CA TYR B 168 -22.62 -9.80 3.40
C TYR B 168 -21.75 -10.72 2.55
N PHE B 169 -20.72 -11.33 3.16
CA PHE B 169 -19.94 -12.34 2.47
C PHE B 169 -20.82 -13.51 2.03
N ASP B 170 -21.77 -13.91 2.88
CA ASP B 170 -22.70 -14.97 2.52
C ASP B 170 -23.54 -14.63 1.28
N LYS B 171 -23.84 -13.35 1.09
CA LYS B 171 -24.54 -12.91 -0.13
C LYS B 171 -23.67 -13.15 -1.36
N VAL B 172 -22.37 -12.87 -1.23
CA VAL B 172 -21.43 -13.12 -2.31
C VAL B 172 -21.40 -14.62 -2.60
N SER B 173 -21.31 -15.41 -1.55
CA SER B 173 -21.28 -16.88 -1.66
C SER B 173 -22.52 -17.43 -2.32
N SER B 174 -23.68 -16.98 -1.86
CA SER B 174 -24.96 -17.38 -2.43
C SER B 174 -25.00 -17.10 -3.92
N ALA B 175 -24.64 -15.87 -4.28
CA ALA B 175 -24.71 -15.42 -5.65
C ALA B 175 -23.79 -16.22 -6.59
N LEU B 176 -22.67 -16.70 -6.08
CA LEU B 176 -21.68 -17.35 -6.94
C LEU B 176 -21.84 -18.86 -7.02
N ALA B 177 -22.60 -19.43 -6.08
CA ALA B 177 -22.70 -20.89 -6.00
C ALA B 177 -23.79 -21.42 -6.91
N LYS C 1 22.67 23.27 0.00
CA LYS C 1 22.09 22.62 1.21
C LYS C 1 20.90 21.77 0.78
N MET C 2 20.51 20.85 1.64
CA MET C 2 19.38 19.96 1.37
CA MET C 2 19.42 19.95 1.30
C MET C 2 18.14 20.73 1.01
N ALA C 3 17.24 20.09 0.26
CA ALA C 3 15.91 20.61 0.03
C ALA C 3 15.08 20.49 1.30
N THR C 4 13.96 21.21 1.34
CA THR C 4 13.05 21.17 2.46
C THR C 4 11.61 20.99 1.99
N ASP C 5 11.46 20.47 0.78
CA ASP C 5 10.14 20.33 0.15
C ASP C 5 9.54 18.92 0.33
N SER C 6 10.23 18.07 1.07
CA SER C 6 9.79 16.70 1.33
C SER C 6 9.64 15.88 0.06
N LYS C 7 10.26 16.32 -1.02
CA LYS C 7 10.23 15.57 -2.28
C LYS C 7 11.43 14.61 -2.38
N ALA C 8 11.17 13.45 -2.96
CA ALA C 8 12.18 12.42 -3.16
C ALA C 8 11.93 11.72 -4.49
N PRO C 9 12.97 11.08 -5.06
CA PRO C 9 12.78 10.46 -6.36
C PRO C 9 11.94 9.20 -6.21
N LEU C 10 10.85 9.14 -6.94
CA LEU C 10 10.01 7.95 -6.97
C LEU C 10 10.33 7.14 -8.21
N ILE C 11 10.90 5.97 -7.99
CA ILE C 11 11.26 5.07 -9.08
C ILE C 11 10.15 4.06 -9.29
N GLU C 12 9.66 3.96 -10.54
CA GLU C 12 8.78 2.87 -10.93
C GLU C 12 9.42 2.07 -12.04
N LEU C 13 9.40 0.75 -11.87
CA LEU C 13 9.96 -0.16 -12.86
C LEU C 13 8.84 -0.97 -13.52
N PHE C 14 8.97 -1.19 -14.84
CA PHE C 14 7.99 -1.95 -15.58
C PHE C 14 8.63 -3.05 -16.42
N ASP C 15 8.13 -4.28 -16.25
CA ASP C 15 8.56 -5.40 -17.09
C ASP C 15 7.30 -6.07 -17.59
N GLU C 16 6.91 -5.70 -18.81
CA GLU C 16 5.67 -6.16 -19.40
C GLU C 16 6.01 -7.06 -20.57
N ARG C 17 7.06 -7.86 -20.43
CA ARG C 17 7.48 -8.72 -21.53
C ARG C 17 6.50 -9.85 -21.81
N ASP C 18 5.60 -10.11 -20.86
CA ASP C 18 4.53 -11.07 -21.09
C ASP C 18 3.42 -10.50 -22.01
N GLY C 19 3.59 -9.26 -22.44
CA GLY C 19 2.71 -8.66 -23.44
C GLY C 19 1.50 -7.94 -22.89
N CYS C 20 1.28 -8.03 -21.57
CA CYS C 20 0.15 -7.33 -20.96
C CYS C 20 0.50 -5.87 -20.73
N LYS C 21 -0.15 -5.00 -21.48
CA LYS C 21 0.15 -3.57 -21.43
C LYS C 21 -0.88 -2.80 -20.62
N GLY C 22 -0.48 -1.64 -20.12
CA GLY C 22 -1.38 -0.79 -19.36
C GLY C 22 -2.26 0.03 -20.28
N PRO C 23 -3.21 0.77 -19.69
CA PRO C 23 -4.16 1.59 -20.46
C PRO C 23 -3.48 2.72 -21.24
N ALA C 24 -2.39 3.27 -20.73
CA ALA C 24 -1.74 4.38 -21.41
C ALA C 24 -0.74 3.93 -22.47
N ALA C 25 -0.73 4.68 -23.57
CA ALA C 25 0.24 4.45 -24.64
C ALA C 25 1.65 4.58 -24.08
N ASN C 26 2.62 4.00 -24.79
CA ASN C 26 4.02 4.15 -24.43
C ASN C 26 4.45 5.60 -24.36
N LYS C 27 5.26 5.93 -23.37
CA LYS C 27 5.80 7.27 -23.19
C LYS C 27 7.28 7.34 -23.63
N ALA C 28 7.89 6.18 -23.84
CA ALA C 28 9.19 6.07 -24.50
C ALA C 28 9.09 4.89 -25.46
N SER C 29 10.06 4.73 -26.36
CA SER C 29 10.02 3.55 -27.21
C SER C 29 10.82 2.42 -26.62
N ASP C 30 10.32 1.20 -26.76
CA ASP C 30 11.04 0.01 -26.28
C ASP C 30 11.67 -0.77 -27.43
N VAL C 31 11.90 -0.09 -28.53
CA VAL C 31 12.65 -0.68 -29.63
C VAL C 31 14.01 -1.22 -29.15
N GLY C 32 14.20 -2.53 -29.29
CA GLY C 32 15.46 -3.16 -28.92
C GLY C 32 15.45 -3.85 -27.56
N GLU C 33 14.60 -3.37 -26.65
CA GLU C 33 14.34 -4.05 -25.40
C GLU C 33 12.87 -3.94 -25.05
N PRO C 34 12.03 -4.65 -25.81
CA PRO C 34 10.57 -4.66 -25.66
C PRO C 34 10.12 -4.95 -24.24
N GLY C 35 9.16 -4.17 -23.76
CA GLY C 35 8.51 -4.45 -22.50
C GLY C 35 9.14 -3.84 -21.27
N LEU C 36 10.34 -3.27 -21.40
CA LEU C 36 11.06 -2.78 -20.21
C LEU C 36 11.05 -1.25 -20.15
N CYS C 37 10.80 -0.70 -18.96
CA CYS C 37 10.82 0.74 -18.78
C CYS C 37 11.17 1.14 -17.35
N VAL C 38 12.03 2.15 -17.22
CA VAL C 38 12.32 2.78 -15.94
C VAL C 38 11.74 4.17 -15.92
N LYS C 39 10.98 4.46 -14.88
CA LYS C 39 10.37 5.77 -14.72
C LYS C 39 10.85 6.42 -13.43
N VAL C 40 11.21 7.70 -13.51
CA VAL C 40 11.59 8.47 -12.33
C VAL C 40 10.90 9.81 -12.34
N SER C 41 10.33 10.19 -11.20
CA SER C 41 9.81 11.54 -11.02
C SER C 41 10.12 11.98 -9.60
N MET C 42 10.08 13.29 -9.37
CA MET C 42 10.18 13.82 -8.01
C MET C 42 8.79 14.07 -7.48
N GLN C 43 8.49 13.41 -6.35
CA GLN C 43 7.18 13.48 -5.73
C GLN C 43 7.33 13.77 -4.25
N LYS C 44 6.44 14.59 -3.70
CA LYS C 44 6.41 14.78 -2.26
C LYS C 44 6.04 13.47 -1.57
N VAL C 45 6.78 13.16 -0.53
CA VAL C 45 6.44 12.03 0.33
C VAL C 45 5.35 12.50 1.29
N ALA C 46 4.12 12.06 1.06
CA ALA C 46 2.98 12.57 1.84
C ALA C 46 2.94 11.96 3.21
N MET C 47 2.46 12.70 4.18
CA MET C 47 2.16 12.15 5.49
C MET C 47 1.07 11.08 5.35
N ASN C 48 1.25 9.99 6.06
CA ASN C 48 0.27 8.92 6.03
C ASN C 48 -0.20 8.59 7.45
N ALA C 49 -1.37 9.12 7.82
CA ALA C 49 -1.87 8.97 9.17
C ALA C 49 -2.14 7.52 9.53
N ALA C 50 -2.61 6.73 8.56
CA ALA C 50 -2.97 5.36 8.85
C ALA C 50 -1.72 4.57 9.24
N ALA C 51 -0.62 4.81 8.52
CA ALA C 51 0.62 4.09 8.81
C ALA C 51 1.17 4.54 10.15
N ALA C 52 1.00 5.82 10.47
CA ALA C 52 1.51 6.31 11.75
C ALA C 52 0.71 5.71 12.91
N LYS C 53 -0.61 5.64 12.73
CA LYS C 53 -1.45 5.07 13.75
C LYS C 53 -1.14 3.58 13.90
N SER C 54 -0.88 2.89 12.80
CA SER C 54 -0.57 1.46 12.89
C SER C 54 0.74 1.21 13.65
N VAL C 55 1.78 2.01 13.42
CA VAL C 55 3.02 1.81 14.17
C VAL C 55 2.74 2.00 15.67
N ALA C 56 1.96 3.03 16.00
CA ALA C 56 1.67 3.33 17.41
C ALA C 56 0.97 2.16 18.07
N THR C 57 0.10 1.49 17.32
CA THR C 57 -0.66 0.35 17.83
C THR C 57 0.10 -0.97 17.79
N ASN C 58 0.97 -1.13 16.78
CA ASN C 58 1.52 -2.42 16.42
C ASN C 58 3.03 -2.63 16.51
N TYR C 59 3.75 -1.63 17.00
CA TYR C 59 5.19 -1.70 16.97
C TYR C 59 5.76 -2.86 17.74
N MET C 60 4.96 -3.39 18.68
CA MET C 60 5.45 -4.41 19.60
C MET C 60 5.34 -5.80 18.98
N ARG C 61 4.76 -5.90 17.79
CA ARG C 61 4.67 -7.16 17.07
C ARG C 61 5.53 -7.13 15.80
N LYS C 62 6.45 -8.10 15.70
CA LYS C 62 7.32 -8.25 14.52
C LYS C 62 6.53 -8.66 13.29
N ASP D 3 20.98 11.40 -16.53
CA ASP D 3 21.07 12.61 -17.34
C ASP D 3 19.66 13.02 -17.82
N ALA D 4 18.92 12.04 -18.33
CA ALA D 4 17.48 12.22 -18.53
C ALA D 4 16.81 12.27 -17.14
N PHE D 5 17.42 11.62 -16.16
CA PHE D 5 16.93 11.71 -14.78
C PHE D 5 17.31 13.06 -14.16
N SER D 6 18.52 13.52 -14.46
CA SER D 6 18.99 14.77 -13.89
C SER D 6 18.02 15.92 -14.12
N LYS D 7 17.34 15.91 -15.27
CA LYS D 7 16.44 17.00 -15.61
C LYS D 7 15.24 17.02 -14.66
N VAL D 8 14.64 15.85 -14.43
CA VAL D 8 13.43 15.79 -13.60
C VAL D 8 13.77 15.87 -12.11
N ILE D 9 14.99 15.54 -11.74
CA ILE D 9 15.42 15.76 -10.36
C ILE D 9 15.59 17.24 -10.09
N THR D 10 16.24 17.94 -11.03
CA THR D 10 16.46 19.37 -10.92
C THR D 10 15.14 20.13 -10.92
N SER D 11 14.25 19.80 -11.86
CA SER D 11 12.99 20.52 -11.97
C SER D 11 12.07 20.19 -10.79
N ALA D 12 12.26 19.02 -10.19
CA ALA D 12 11.56 18.64 -8.96
C ALA D 12 10.07 19.02 -8.93
N ASP D 13 9.39 18.80 -10.05
CA ASP D 13 8.01 19.26 -10.22
C ASP D 13 7.01 18.16 -10.58
N GLY D 14 7.40 16.89 -10.42
CA GLY D 14 6.51 15.78 -10.68
C GLY D 14 6.54 15.31 -12.13
N LYS D 15 7.22 16.05 -12.98
CA LYS D 15 7.46 15.60 -14.35
C LYS D 15 8.29 14.35 -14.30
N ALA D 16 7.98 13.40 -15.19
CA ALA D 16 8.65 12.10 -15.12
C ALA D 16 9.56 11.92 -16.31
N ALA D 17 10.63 11.17 -16.09
CA ALA D 17 11.51 10.74 -17.16
C ALA D 17 11.29 9.24 -17.34
N TYR D 18 11.02 8.84 -18.58
CA TYR D 18 10.79 7.43 -18.94
C TYR D 18 11.95 6.93 -19.77
N VAL D 19 12.59 5.85 -19.32
CA VAL D 19 13.75 5.28 -19.98
C VAL D 19 13.46 3.89 -20.54
N GLY D 20 13.62 3.74 -21.86
CA GLY D 20 13.31 2.48 -22.51
C GLY D 20 14.16 2.35 -23.75
N GLY D 21 13.98 1.23 -24.46
CA GLY D 21 14.63 1.02 -25.75
C GLY D 21 16.14 1.16 -25.66
N ALA D 22 16.74 1.86 -26.64
CA ALA D 22 18.20 2.06 -26.65
C ALA D 22 18.70 2.97 -25.52
N ASP D 23 17.87 3.90 -25.06
CA ASP D 23 18.21 4.70 -23.87
C ASP D 23 18.43 3.84 -22.62
N LEU D 24 17.65 2.76 -22.53
CA LEU D 24 17.69 1.87 -21.36
C LEU D 24 18.89 0.96 -21.46
N GLN D 25 19.15 0.47 -22.68
CA GLN D 25 20.32 -0.36 -22.93
C GLN D 25 21.55 0.44 -22.55
N ALA D 26 21.47 1.74 -22.84
CA ALA D 26 22.58 2.65 -22.60
C ALA D 26 22.77 2.88 -21.12
N LEU D 27 21.66 3.19 -20.44
CA LEU D 27 21.67 3.38 -18.99
C LEU D 27 22.35 2.20 -18.34
N LYS D 28 21.94 1.01 -18.75
CA LYS D 28 22.45 -0.22 -18.15
C LYS D 28 23.91 -0.41 -18.46
N LYS D 29 24.40 0.18 -19.54
CA LYS D 29 25.82 0.13 -19.85
C LYS D 29 26.60 1.06 -18.92
N PHE D 30 26.05 2.25 -18.67
CA PHE D 30 26.73 3.27 -17.87
C PHE D 30 26.92 2.82 -16.43
N VAL D 31 25.97 2.02 -15.93
CA VAL D 31 26.06 1.48 -14.57
C VAL D 31 26.54 0.02 -14.61
N SER D 32 27.24 -0.43 -13.58
CA SER D 32 27.71 -1.81 -13.56
C SER D 32 26.51 -2.74 -13.34
N ASP D 33 26.67 -4.01 -13.71
CA ASP D 33 25.64 -5.03 -13.48
C ASP D 33 24.24 -4.51 -13.78
N GLY D 34 24.07 -3.93 -14.98
CA GLY D 34 22.83 -3.24 -15.32
C GLY D 34 21.54 -3.96 -14.97
N ASN D 35 21.36 -5.17 -15.46
CA ASN D 35 20.11 -5.87 -15.23
C ASN D 35 19.95 -6.24 -13.76
N LYS D 36 20.98 -6.83 -13.17
CA LYS D 36 20.94 -7.16 -11.73
C LYS D 36 20.65 -5.91 -10.89
N ARG D 37 21.22 -4.79 -11.29
CA ARG D 37 21.04 -3.53 -10.61
C ARG D 37 19.57 -3.10 -10.60
N MET D 38 18.90 -3.28 -11.74
CA MET D 38 17.48 -2.96 -11.81
C MET D 38 16.69 -3.82 -10.81
N ASP D 39 17.01 -5.10 -10.74
CA ASP D 39 16.38 -6.00 -9.76
C ASP D 39 16.71 -5.58 -8.33
N ALA D 40 17.94 -5.13 -8.09
CA ALA D 40 18.31 -4.73 -6.73
C ALA D 40 17.49 -3.48 -6.34
N VAL D 41 17.29 -2.59 -7.31
CA VAL D 41 16.44 -1.43 -7.07
C VAL D 41 15.02 -1.90 -6.77
N ASN D 42 14.52 -2.84 -7.57
CA ASN D 42 13.16 -3.33 -7.37
C ASN D 42 12.98 -3.99 -6.01
N ALA D 43 14.03 -4.65 -5.55
CA ALA D 43 14.03 -5.26 -4.21
C ALA D 43 13.77 -4.21 -3.14
N ILE D 44 14.20 -2.98 -3.41
CA ILE D 44 13.89 -1.89 -2.52
C ILE D 44 12.51 -1.29 -2.81
N VAL D 45 12.26 -0.85 -4.05
CA VAL D 45 11.03 -0.10 -4.29
C VAL D 45 9.77 -0.96 -4.13
N SER D 46 9.85 -2.26 -4.42
CA SER D 46 8.67 -3.15 -4.27
C SER D 46 8.31 -3.45 -2.82
N ASN D 47 9.21 -3.05 -1.92
CA ASN D 47 9.07 -3.28 -0.48
C ASN D 47 9.16 -1.98 0.34
N ALA D 48 9.04 -0.83 -0.32
CA ALA D 48 9.33 0.44 0.36
C ALA D 48 8.52 0.69 1.63
N SER D 49 7.21 0.51 1.57
CA SER D 49 6.40 0.75 2.77
C SER D 49 6.77 -0.16 3.93
N CYS D 50 7.01 -1.42 3.64
CA CYS D 50 7.36 -2.38 4.67
C CYS D 50 8.74 -2.08 5.25
N ILE D 51 9.68 -1.69 4.40
CA ILE D 51 10.99 -1.34 4.91
C ILE D 51 10.90 -0.21 5.93
N VAL D 52 10.18 0.84 5.57
CA VAL D 52 10.04 2.02 6.41
C VAL D 52 9.29 1.69 7.71
N SER D 53 8.16 1.00 7.59
CA SER D 53 7.36 0.70 8.77
CA SER D 53 7.37 0.70 8.76
C SER D 53 8.09 -0.25 9.73
N ASP D 54 8.80 -1.22 9.17
CA ASP D 54 9.51 -2.19 10.02
C ASP D 54 10.66 -1.49 10.75
N ALA D 55 11.31 -0.55 10.08
CA ALA D 55 12.44 0.14 10.69
C ALA D 55 12.00 1.07 11.83
N VAL D 56 10.96 1.87 11.61
CA VAL D 56 10.50 2.82 12.62
C VAL D 56 9.88 2.03 13.76
N SER D 57 9.14 0.95 13.45
CA SER D 57 8.55 0.09 14.49
C SER D 57 9.63 -0.54 15.37
N GLY D 58 10.74 -0.94 14.74
CA GLY D 58 11.83 -1.59 15.46
C GLY D 58 12.56 -0.59 16.32
N MET D 59 12.77 0.59 15.77
CA MET D 59 13.33 1.70 16.54
C MET D 59 12.49 1.90 17.83
N VAL D 60 11.16 1.91 17.67
CA VAL D 60 10.30 2.10 18.83
C VAL D 60 10.26 0.87 19.77
N CYS D 61 10.17 -0.35 19.25
CA CYS D 61 10.05 -1.50 20.15
C CYS D 61 11.34 -1.68 20.96
N GLU D 62 12.46 -1.26 20.41
CA GLU D 62 13.70 -1.35 21.16
C GLU D 62 13.84 -0.21 22.19
N ASN D 63 13.08 0.87 22.01
CA ASN D 63 13.11 2.02 22.92
C ASN D 63 11.76 2.71 22.99
N PRO D 64 10.82 2.13 23.76
CA PRO D 64 9.44 2.63 23.76
C PRO D 64 9.31 4.03 24.34
N ALA D 65 10.35 4.56 24.98
CA ALA D 65 10.37 5.94 25.42
C ALA D 65 10.06 6.87 24.22
N LEU D 66 10.36 6.39 23.02
CA LEU D 66 10.18 7.23 21.82
C LEU D 66 8.71 7.54 21.59
N ILE D 67 7.83 6.69 22.10
N ILE D 67 7.81 6.68 22.04
CA ILE D 67 6.40 6.84 21.88
CA ILE D 67 6.38 6.92 21.85
C ILE D 67 5.65 7.19 23.15
C ILE D 67 5.71 7.46 23.10
N ALA D 68 6.41 7.45 24.22
CA ALA D 68 5.85 7.96 25.48
C ALA D 68 5.86 9.48 25.45
N PRO D 69 5.12 10.12 26.36
CA PRO D 69 5.18 11.59 26.43
C PRO D 69 6.63 12.08 26.42
N ASN D 70 6.89 13.16 25.68
CA ASN D 70 8.25 13.73 25.56
C ASN D 70 9.15 12.91 24.64
N GLY D 71 8.62 11.85 24.03
CA GLY D 71 9.36 11.04 23.10
C GLY D 71 9.38 11.61 21.68
N GLY D 72 10.37 11.18 20.92
CA GLY D 72 10.63 11.68 19.58
C GLY D 72 9.49 11.51 18.59
N VAL D 73 8.71 10.44 18.76
CA VAL D 73 7.55 10.12 17.90
C VAL D 73 6.26 9.99 18.69
N TYR D 74 6.20 10.70 19.82
CA TYR D 74 4.95 10.85 20.53
C TYR D 74 4.04 11.73 19.67
N SER D 75 2.80 11.30 19.53
CA SER D 75 1.78 11.97 18.68
C SER D 75 1.87 11.47 17.25
N ASN D 76 0.70 11.32 16.63
CA ASN D 76 0.64 10.87 15.25
C ASN D 76 1.41 11.80 14.32
N ARG D 77 1.37 13.11 14.60
CA ARG D 77 2.02 14.10 13.75
C ARG D 77 3.51 13.79 13.68
N LYS D 78 4.14 13.56 14.83
CA LYS D 78 5.57 13.28 14.84
C LYS D 78 5.90 11.89 14.26
N MET D 79 5.11 10.88 14.62
CA MET D 79 5.31 9.57 14.06
C MET D 79 5.26 9.63 12.52
N ALA D 80 4.25 10.33 12.00
CA ALA D 80 4.10 10.47 10.55
C ALA D 80 5.30 11.20 9.93
N ALA D 81 5.78 12.24 10.60
CA ALA D 81 6.93 12.96 10.09
C ALA D 81 8.16 12.05 10.05
N CYS D 82 8.29 11.20 11.07
CA CYS D 82 9.42 10.28 11.14
C CYS D 82 9.31 9.20 10.02
N LEU D 83 8.12 8.63 9.83
CA LEU D 83 7.93 7.69 8.73
C LEU D 83 8.18 8.34 7.37
N ARG D 84 7.75 9.60 7.23
CA ARG D 84 8.05 10.37 6.03
C ARG D 84 9.55 10.45 5.79
N ASP D 85 10.31 10.84 6.83
CA ASP D 85 11.75 10.98 6.68
C ASP D 85 12.43 9.67 6.33
N ALA D 86 12.00 8.58 6.97
CA ALA D 86 12.57 7.28 6.69
C ALA D 86 12.37 6.95 5.22
N GLU D 87 11.18 7.22 4.70
CA GLU D 87 10.86 6.94 3.28
C GLU D 87 11.68 7.86 2.38
N ILE D 88 11.80 9.13 2.78
CA ILE D 88 12.57 10.08 2.00
C ILE D 88 13.99 9.54 1.86
N ILE D 89 14.61 9.20 2.98
CA ILE D 89 15.98 8.66 2.96
C ILE D 89 16.08 7.40 2.12
N LEU D 90 15.13 6.48 2.31
CA LEU D 90 15.14 5.22 1.57
C LEU D 90 15.07 5.46 0.08
N ARG D 91 14.26 6.42 -0.34
CA ARG D 91 14.12 6.70 -1.76
CA ARG D 91 14.14 6.69 -1.77
C ARG D 91 15.39 7.35 -2.35
N TYR D 92 16.06 8.22 -1.59
CA TYR D 92 17.32 8.76 -2.11
C TYR D 92 18.40 7.67 -2.17
N VAL D 93 18.35 6.71 -1.25
CA VAL D 93 19.23 5.56 -1.34
C VAL D 93 18.89 4.72 -2.57
N SER D 94 17.60 4.50 -2.82
CA SER D 94 17.22 3.66 -3.97
C SER D 94 17.65 4.34 -5.27
N TYR D 95 17.57 5.66 -5.30
CA TYR D 95 17.98 6.38 -6.50
C TYR D 95 19.49 6.34 -6.65
N SER D 96 20.21 6.33 -5.54
CA SER D 96 21.67 6.23 -5.55
C SER D 96 22.05 4.88 -6.16
N LEU D 97 21.28 3.84 -5.81
CA LEU D 97 21.50 2.51 -6.37
C LEU D 97 21.14 2.45 -7.85
N LEU D 98 20.06 3.13 -8.24
CA LEU D 98 19.67 3.17 -9.64
C LEU D 98 20.73 3.86 -10.49
N SER D 99 21.22 4.99 -10.00
CA SER D 99 22.11 5.89 -10.77
C SER D 99 23.60 5.62 -10.56
N GLY D 100 23.93 4.88 -9.50
CA GLY D 100 25.31 4.49 -9.25
C GLY D 100 26.16 5.52 -8.51
N ASP D 101 25.54 6.58 -7.98
CA ASP D 101 26.29 7.48 -7.10
C ASP D 101 25.37 8.17 -6.13
N SER D 102 25.97 8.83 -5.15
CA SER D 102 25.29 9.38 -4.01
C SER D 102 25.22 10.89 -4.06
N SER D 103 25.55 11.49 -5.20
CA SER D 103 25.61 12.93 -5.26
C SER D 103 24.24 13.55 -4.95
N VAL D 104 23.17 13.01 -5.52
CA VAL D 104 21.85 13.60 -5.24
C VAL D 104 21.47 13.36 -3.77
N LEU D 105 21.72 12.14 -3.30
CA LEU D 105 21.51 11.82 -1.87
C LEU D 105 22.26 12.80 -0.97
N GLU D 106 23.54 13.00 -1.27
CA GLU D 106 24.34 13.87 -0.43
C GLU D 106 23.90 15.32 -0.55
N ASP D 107 23.65 15.77 -1.77
CA ASP D 107 23.37 17.18 -2.02
C ASP D 107 21.98 17.59 -1.58
N ARG D 108 20.97 16.80 -1.98
CA ARG D 108 19.58 17.23 -1.84
C ARG D 108 18.94 16.71 -0.55
N CYS D 109 19.49 15.63 -0.01
CA CYS D 109 18.92 15.00 1.18
C CYS D 109 19.75 15.16 2.44
N LEU D 110 21.06 14.92 2.37
CA LEU D 110 21.90 14.84 3.58
C LEU D 110 22.58 16.15 4.00
N ASN D 111 22.86 17.04 3.06
CA ASN D 111 23.62 18.26 3.35
C ASN D 111 22.86 19.21 4.29
N GLY D 112 23.27 19.27 5.55
CA GLY D 112 22.57 20.09 6.51
C GLY D 112 21.53 19.31 7.33
N LEU D 113 21.45 18.01 7.10
CA LEU D 113 20.39 17.22 7.73
C LEU D 113 20.69 17.03 9.22
N LYS D 114 21.92 16.71 9.54
CA LYS D 114 22.32 16.58 10.95
C LYS D 114 21.94 17.84 11.71
N GLU D 115 22.24 19.00 11.12
CA GLU D 115 22.01 20.27 11.79
C GLU D 115 20.51 20.53 11.96
N THR D 116 19.72 20.20 10.93
CA THR D 116 18.27 20.27 11.01
C THR D 116 17.72 19.46 12.20
N TYR D 117 18.15 18.21 12.30
CA TYR D 117 17.69 17.34 13.36
C TYR D 117 18.16 17.85 14.73
N ALA D 118 19.37 18.38 14.76
CA ALA D 118 19.96 18.86 16.01
C ALA D 118 19.15 20.04 16.52
N SER D 119 18.76 20.93 15.59
CA SER D 119 17.97 22.09 15.93
C SER D 119 16.58 21.72 16.39
N LEU D 120 16.02 20.62 15.85
CA LEU D 120 14.70 20.20 16.26
C LEU D 120 14.68 19.34 17.52
N GLY D 121 15.85 18.86 17.95
CA GLY D 121 15.90 17.96 19.07
C GLY D 121 15.50 16.54 18.70
N VAL D 122 15.65 16.20 17.43
CA VAL D 122 15.37 14.83 16.99
C VAL D 122 16.48 13.92 17.53
N PRO D 123 16.11 12.81 18.22
CA PRO D 123 17.11 11.97 18.89
C PRO D 123 18.01 11.22 17.92
N ALA D 124 19.31 11.43 18.06
CA ALA D 124 20.30 10.79 17.21
C ALA D 124 20.25 9.26 17.27
N ALA D 125 20.15 8.69 18.47
CA ALA D 125 20.18 7.23 18.61
C ALA D 125 19.03 6.54 17.85
N GLY D 126 17.83 7.12 17.94
CA GLY D 126 16.65 6.59 17.27
C GLY D 126 16.80 6.68 15.77
N ASN D 127 17.27 7.84 15.28
CA ASN D 127 17.56 7.95 13.86
C ASN D 127 18.54 6.90 13.40
N ALA D 128 19.63 6.74 14.14
CA ALA D 128 20.67 5.79 13.75
C ALA D 128 20.11 4.38 13.69
N ARG D 129 19.27 4.02 14.65
CA ARG D 129 18.73 2.68 14.63
C ARG D 129 17.76 2.45 13.48
N ALA D 130 16.92 3.43 13.19
CA ALA D 130 16.01 3.29 12.04
C ALA D 130 16.80 3.08 10.75
N VAL D 131 17.87 3.86 10.56
CA VAL D 131 18.68 3.71 9.36
C VAL D 131 19.33 2.32 9.36
N ALA D 132 19.77 1.86 10.53
CA ALA D 132 20.42 0.56 10.63
C ALA D 132 19.51 -0.60 10.26
N ILE D 133 18.27 -0.53 10.72
CA ILE D 133 17.28 -1.56 10.41
C ILE D 133 16.95 -1.51 8.92
N MET D 134 16.76 -0.32 8.35
CA MET D 134 16.50 -0.25 6.90
C MET D 134 17.67 -0.91 6.14
N LYS D 135 18.89 -0.66 6.59
CA LYS D 135 20.10 -1.15 5.91
C LYS D 135 20.08 -2.68 5.92
N ALA D 136 19.80 -3.25 7.08
CA ALA D 136 19.71 -4.70 7.24
C ALA D 136 18.59 -5.28 6.39
N THR D 137 17.45 -4.62 6.39
CA THR D 137 16.28 -5.12 5.66
C THR D 137 16.52 -5.10 4.16
N VAL D 138 17.04 -3.98 3.65
CA VAL D 138 17.36 -3.86 2.25
C VAL D 138 18.34 -4.96 1.85
N ASN D 139 19.34 -5.22 2.68
CA ASN D 139 20.30 -6.27 2.40
C ASN D 139 19.59 -7.60 2.20
N GLY D 140 18.68 -7.95 3.11
CA GLY D 140 17.87 -9.15 2.96
C GLY D 140 17.08 -9.20 1.66
N PHE D 141 16.42 -8.11 1.29
CA PHE D 141 15.62 -8.11 0.06
C PHE D 141 16.51 -8.20 -1.20
N ILE D 142 17.64 -7.50 -1.22
CA ILE D 142 18.53 -7.57 -2.38
C ILE D 142 19.08 -8.99 -2.57
N ASN D 143 19.49 -9.61 -1.47
CA ASN D 143 20.00 -10.98 -1.50
C ASN D 143 18.90 -12.03 -1.58
N ASN D 144 17.65 -11.58 -1.44
CA ASN D 144 16.47 -12.44 -1.56
C ASN D 144 16.39 -13.48 -0.43
N THR D 145 16.94 -13.11 0.72
CA THR D 145 16.90 -13.98 1.90
C THR D 145 15.74 -13.61 2.85
N ALA D 146 14.99 -12.58 2.53
CA ALA D 146 13.82 -12.22 3.33
C ALA D 146 12.90 -13.42 3.48
N GLN D 147 12.29 -13.57 4.65
CA GLN D 147 11.58 -14.79 4.96
CA GLN D 147 11.54 -14.78 5.02
C GLN D 147 10.14 -14.84 4.43
N GLN D 148 9.48 -13.69 4.30
CA GLN D 148 8.09 -13.67 3.84
CA GLN D 148 8.09 -13.68 3.84
C GLN D 148 7.95 -13.29 2.38
N LYS D 149 8.57 -12.19 1.97
CA LYS D 149 8.32 -11.67 0.64
C LYS D 149 9.59 -11.64 -0.21
N LYS D 150 9.67 -12.56 -1.16
CA LYS D 150 10.82 -12.67 -2.04
C LYS D 150 10.49 -12.09 -3.39
N LEU D 151 11.51 -12.03 -4.25
CA LEU D 151 11.40 -11.50 -5.60
C LEU D 151 11.97 -12.56 -6.53
N SER D 152 11.26 -12.89 -7.60
CA SER D 152 11.74 -13.89 -8.56
CA SER D 152 11.74 -13.89 -8.56
C SER D 152 12.75 -13.27 -9.51
N THR D 153 13.95 -13.83 -9.52
CA THR D 153 15.00 -13.37 -10.43
C THR D 153 15.75 -14.61 -10.88
N PRO D 154 16.47 -14.50 -12.01
CA PRO D 154 17.36 -15.60 -12.39
C PRO D 154 18.43 -15.78 -11.33
N ALA D 155 18.71 -17.02 -10.96
CA ALA D 155 19.70 -17.29 -9.92
C ALA D 155 21.07 -16.71 -10.29
N GLY D 156 21.72 -16.12 -9.28
CA GLY D 156 23.02 -15.50 -9.45
C GLY D 156 23.40 -14.69 -8.22
N ASP D 157 24.48 -13.94 -8.35
CA ASP D 157 25.12 -13.28 -7.22
C ASP D 157 25.00 -11.77 -7.28
N CYS D 158 24.36 -11.18 -6.26
CA CYS D 158 24.23 -9.72 -6.20
C CYS D 158 24.99 -9.10 -5.03
N SER D 159 25.99 -9.81 -4.52
CA SER D 159 26.74 -9.33 -3.37
C SER D 159 27.37 -7.94 -3.59
N ALA D 160 27.86 -7.69 -4.80
CA ALA D 160 28.45 -6.38 -5.07
C ALA D 160 27.41 -5.26 -4.96
N LEU D 161 26.25 -5.46 -5.57
CA LEU D 161 25.16 -4.50 -5.47
C LEU D 161 24.70 -4.32 -4.00
N ALA D 162 24.67 -5.41 -3.25
CA ALA D 162 24.22 -5.32 -1.86
C ALA D 162 25.21 -4.47 -1.05
N SER D 163 26.50 -4.66 -1.30
CA SER D 163 27.54 -3.88 -0.63
C SER D 163 27.42 -2.40 -0.96
N GLU D 164 27.11 -2.12 -2.22
CA GLU D 164 27.01 -0.74 -2.68
C GLU D 164 25.85 -0.04 -1.99
N ALA D 165 24.71 -0.72 -1.92
CA ALA D 165 23.55 -0.23 -1.20
C ALA D 165 23.91 0.06 0.25
N GLY D 166 24.59 -0.87 0.91
CA GLY D 166 25.03 -0.69 2.28
C GLY D 166 25.89 0.56 2.46
N GLY D 167 26.73 0.82 1.47
CA GLY D 167 27.60 1.99 1.50
C GLY D 167 26.83 3.28 1.42
N TYR D 168 25.73 3.29 0.68
CA TYR D 168 24.83 4.46 0.64
C TYR D 168 24.22 4.67 2.03
N PHE D 169 23.76 3.59 2.66
CA PHE D 169 23.25 3.71 4.02
C PHE D 169 24.36 4.24 4.94
N ASP D 170 25.61 3.80 4.71
CA ASP D 170 26.70 4.26 5.55
C ASP D 170 26.91 5.75 5.36
N LYS D 171 26.66 6.23 4.15
CA LYS D 171 26.76 7.65 3.91
C LYS D 171 25.73 8.40 4.68
N VAL D 172 24.51 7.86 4.79
CA VAL D 172 23.49 8.49 5.61
C VAL D 172 23.98 8.51 7.07
N SER D 173 24.49 7.38 7.55
CA SER D 173 24.91 7.25 8.93
C SER D 173 26.04 8.23 9.24
N SER D 174 27.02 8.28 8.36
CA SER D 174 28.13 9.22 8.50
C SER D 174 27.66 10.66 8.58
N ALA D 175 26.66 11.02 7.78
CA ALA D 175 26.23 12.40 7.69
C ALA D 175 25.52 12.85 8.96
N LEU D 176 24.91 11.90 9.65
CA LEU D 176 24.11 12.19 10.83
C LEU D 176 24.91 12.02 12.13
N ALA D 177 26.06 11.37 12.02
CA ALA D 177 26.91 11.08 13.19
C ALA D 177 27.56 12.35 13.74
CHA CYC E . -6.77 14.46 4.50
NA CYC E . -8.57 14.99 6.12
C1A CYC E . -8.13 14.68 4.88
C2A CYC E . -9.26 14.62 3.98
C3A CYC E . -10.41 14.90 4.78
C4A CYC E . -9.91 15.12 6.12
CMA CYC E . -11.84 14.91 4.29
CAA CYC E . -9.22 14.32 2.51
CBA CYC E . -9.51 15.66 1.78
CGA CYC E . -9.79 15.31 0.34
O1A CYC E . -9.15 15.90 -0.56
O2A CYC E . -10.64 14.42 0.08
CHB CYC E . -10.66 15.42 7.31
NB CYC E . -12.38 16.96 6.44
C1B CYC E . -11.84 16.22 7.43
C2B CYC E . -12.60 16.37 8.65
C3B CYC E . -13.66 17.29 8.32
C4B CYC E . -13.47 17.62 6.93
CMB CYC E . -12.35 15.73 9.99
CAB CYC E . -14.76 17.77 9.23
CBB CYC E . -16.05 17.15 8.74
OB CYC E . -14.20 18.39 6.24
NC CYC E . -1.81 13.24 8.37
C1C CYC E . -0.87 12.73 9.22
C2C CYC E . -0.93 13.50 10.51
C3C CYC E . -2.07 14.47 10.31
C4C CYC E . -2.59 14.17 8.92
CMC CYC E . -1.17 12.57 11.71
CAC CYC E . -1.71 15.96 10.42
CBC CYC E . -0.64 16.34 9.40
OC CYC E . -0.10 11.82 8.96
CHD CYC E . -3.69 14.76 8.37
ND CYC E . -5.45 14.63 6.65
C1D CYC E . -4.15 14.66 6.99
C2D CYC E . -3.36 14.54 5.77
C3D CYC E . -4.28 14.45 4.69
C4D CYC E . -5.57 14.51 5.30
CMD CYC E . -1.86 14.54 5.67
CAD CYC E . -4.00 14.29 3.19
CBD CYC E . -3.93 12.79 2.82
CGD CYC E . -5.28 12.06 2.70
O1D CYC E . -6.12 12.45 1.85
O2D CYC E . -5.50 11.05 3.44
NA DBV F . -3.74 -11.07 10.06
C1A DBV F . -2.88 -10.07 10.31
C2A DBV F . -2.27 -9.62 9.05
C3A DBV F . -2.86 -10.45 8.05
C4A DBV F . -3.76 -11.32 8.73
CMA DBV F . -1.23 -8.55 8.84
CBA DBV F . -2.34 -9.18 6.01
OA DBV F . -2.65 -9.58 11.47
CHA DBV F . -4.53 -12.30 8.02
CAA DBV F . -2.60 -10.53 6.56
NB DBV F . -5.65 -14.44 7.82
C1B DBV F . -5.49 -13.26 8.45
C2B DBV F . -6.39 -13.20 9.58
C3B DBV F . -7.12 -14.43 9.56
C4B DBV F . -6.61 -15.15 8.43
CHB DBV F . -7.06 -16.45 8.01
CMB DBV F . -6.55 -12.05 10.55
CAB DBV F . -8.19 -14.88 10.52
CBB DBV F . -7.59 -15.83 11.54
CGB DBV F . -6.44 -15.23 12.34
O1B DBV F . -5.29 -15.73 12.27
O2B DBV F . -6.65 -14.22 13.04
CHC DBV F . -4.45 -17.85 3.97
NC DBV F . -5.63 -16.82 6.01
C1C DBV F . -6.56 -17.22 6.90
C2C DBV F . -7.00 -18.57 6.63
C3C DBV F . -6.26 -18.98 5.48
C4C DBV F . -5.41 -17.87 5.14
CMC DBV F . -6.37 -20.30 4.79
CAC DBV F . -8.02 -19.37 7.39
CBC DBV F . -9.37 -19.26 6.68
CGC DBV F . -10.42 -20.13 7.36
O1C DBV F . -11.08 -20.95 6.66
O2C DBV F . -10.59 -19.99 8.59
ND DBV F . -3.11 -19.69 4.93
C1D DBV F . -3.06 -18.32 4.42
C2D DBV F . -2.16 -18.33 3.23
C3D DBV F . -1.73 -19.69 3.06
C4D DBV F . -2.36 -20.48 4.14
CMD DBV F . -1.80 -17.15 2.36
CAD DBV F . -0.82 -20.24 1.96
CBD DBV F . 0.48 -20.78 2.55
OD DBV F . -2.21 -21.75 4.28
CHA CYC G . -16.45 3.77 20.18
NA CYC G . -15.67 4.60 17.98
C1A CYC G . -16.20 4.80 19.20
C2A CYC G . -16.50 6.21 19.38
C3A CYC G . -16.09 6.84 18.16
C4A CYC G . -15.60 5.77 17.31
CMA CYC G . -16.20 8.31 17.83
CAA CYC G . -17.10 6.88 20.60
CBA CYC G . -16.13 6.78 21.76
CGA CYC G . -14.98 7.72 21.51
O1A CYC G . -13.82 7.29 21.57
O2A CYC G . -15.26 8.91 21.24
CHB CYC G . -15.07 5.91 15.96
NB CYC G . -16.68 7.45 14.81
C1B CYC G . -15.57 6.66 14.84
C2B CYC G . -14.92 6.68 13.54
C3B CYC G . -15.75 7.52 12.71
C4B CYC G . -16.82 7.98 13.58
CMB CYC G . -13.67 5.91 13.17
CAB CYC G . -15.58 7.91 11.25
CBB CYC G . -14.47 8.90 11.08
OB CYC G . -17.76 8.76 13.16
NC CYC G . -14.15 -2.09 20.19
C1C CYC G . -13.68 -3.35 20.38
C2C CYC G . -13.90 -4.13 19.13
C3C CYC G . -14.19 -3.06 18.11
C4C CYC G . -14.61 -1.89 18.97
CMC CYC G . -12.66 -4.97 18.85
CAC CYC G . -15.27 -3.53 17.13
CBC CYC G . -15.33 -2.72 15.84
OC CYC G . -13.13 -3.77 21.38
CHD CYC G . -15.31 -0.79 18.60
ND CYC G . -15.78 1.58 19.12
C1D CYC G . -15.82 0.27 19.48
C2D CYC G . -16.39 0.17 20.82
C3D CYC G . -16.71 1.51 21.22
C4D CYC G . -16.30 2.35 20.12
CMD CYC G . -16.65 -1.06 21.64
CAD CYC G . -17.33 2.00 22.52
CBD CYC G . -18.82 1.66 22.53
CGD CYC G . -19.64 2.60 21.66
O1D CYC G . -20.59 2.12 21.01
O2D CYC G . -19.35 3.82 21.62
CHA CYC H . -12.68 -11.36 -15.04
NA CYC H . -14.15 -10.16 -13.44
C1A CYC H . -13.77 -10.49 -14.68
C2A CYC H . -14.60 -9.81 -15.65
C3A CYC H . -15.56 -9.05 -14.90
C4A CYC H . -15.19 -9.28 -13.50
CMA CYC H . -16.65 -8.16 -15.45
CAA CYC H . -14.47 -9.97 -17.15
CBA CYC H . -13.87 -8.71 -17.80
CGA CYC H . -12.48 -8.42 -17.27
O1A CYC H . -11.52 -9.20 -17.49
O2A CYC H . -12.36 -7.36 -16.61
CHB CYC H . -15.83 -8.74 -12.34
NB CYC H . -16.22 -6.43 -13.01
C1B CYC H . -16.37 -7.43 -12.14
C2B CYC H . -17.11 -7.00 -11.01
C3B CYC H . -17.48 -5.62 -11.27
C4B CYC H . -16.87 -5.32 -12.55
CMB CYC H . -17.50 -7.85 -9.81
CAB CYC H . -18.30 -4.75 -10.35
CBB CYC H . -17.82 -3.33 -10.43
OB CYC H . -16.86 -4.22 -13.21
NC CYC H . -9.95 -15.93 -11.25
C1C CYC H . -9.66 -17.00 -10.50
C2C CYC H . -9.99 -16.73 -9.08
C3C CYC H . -10.69 -15.38 -9.11
C4C CYC H . -10.54 -14.93 -10.53
CMC CYC H . -10.91 -17.81 -8.53
CAC CYC H . -10.03 -14.44 -8.08
CBC CYC H . -10.53 -14.76 -6.69
OC CYC H . -9.15 -18.03 -10.93
CHD CYC H . -10.92 -13.74 -11.07
ND CYC H . -12.00 -12.45 -12.87
C1D CYC H . -10.99 -13.28 -12.45
C2D CYC H . -10.09 -13.52 -13.55
C3D CYC H . -10.66 -12.83 -14.67
C4D CYC H . -11.85 -12.18 -14.17
CMD CYC H . -8.83 -14.33 -13.65
CAD CYC H . -10.11 -12.83 -16.06
CBD CYC H . -10.61 -14.15 -16.68
CGD CYC H . -10.19 -14.37 -18.11
O1D CYC H . -10.09 -15.56 -18.51
O2D CYC H . -9.97 -13.38 -18.88
CHA CYC I . 1.39 1.19 -16.32
NA CYC I . 3.22 0.62 -17.87
C1A CYC I . 2.60 1.49 -17.04
C2A CYC I . 3.32 2.73 -16.97
C3A CYC I . 4.46 2.54 -17.84
C4A CYC I . 4.34 1.18 -18.35
CMA CYC I . 5.54 3.54 -18.11
CAA CYC I . 2.99 3.97 -16.18
CBA CYC I . 2.51 5.08 -17.15
CGA CYC I . 2.54 6.42 -16.50
O1A CYC I . 1.50 7.10 -16.47
O2A CYC I . 3.59 6.86 -15.97
CHB CYC I . 5.22 0.54 -19.29
NB CYC I . 5.72 2.42 -20.85
C1B CYC I . 5.89 1.15 -20.41
C2B CYC I . 6.86 0.50 -21.25
C3B CYC I . 7.26 1.48 -22.23
C4B CYC I . 6.50 2.67 -21.93
CMB CYC I . 7.37 -0.93 -21.15
CAB CYC I . 8.26 1.29 -23.34
CBB CYC I . 9.55 1.94 -22.91
OB CYC I . 6.60 3.78 -22.58
NC CYC I . -0.88 -4.59 -15.20
C1C CYC I . -1.24 -5.83 -14.79
C2C CYC I . -1.21 -6.78 -15.94
C3C CYC I . -0.69 -5.94 -17.10
C4C CYC I . -0.50 -4.56 -16.49
CMC CYC I . -0.26 -7.94 -15.60
CAC CYC I . -1.66 -5.89 -18.29
CBC CYC I . -3.04 -5.40 -17.89
OC CYC I . -1.56 -6.10 -13.63
CHD CYC I . -0.02 -3.46 -17.11
ND CYC I . 0.95 -1.23 -16.82
C1D CYC I . -0.09 -2.10 -16.65
C2D CYC I . -1.13 -1.43 -15.89
C3D CYC I . -0.67 -0.08 -15.67
C4D CYC I . 0.61 -0.01 -16.31
CMD CYC I . -2.45 -1.97 -15.42
CAD CYC I . -1.35 1.05 -14.94
CBD CYC I . -0.90 0.97 -13.46
CGD CYC I . 0.44 1.62 -13.17
O1D CYC I . 1.42 0.93 -12.72
O2D CYC I . 0.55 2.87 -13.40
NA DBV J . 11.02 -9.34 5.58
C1A DBV J . 9.94 -9.72 4.84
C2A DBV J . 8.88 -8.73 4.97
C3A DBV J . 9.37 -7.74 5.86
C4A DBV J . 10.72 -8.18 6.21
CMA DBV J . 7.52 -8.84 4.28
CBA DBV J . 7.84 -5.63 5.59
OA DBV J . 9.82 -10.78 4.13
CHA DBV J . 11.53 -7.40 7.10
CAA DBV J . 8.72 -6.51 6.44
NB DBV J . 13.30 -7.10 8.75
C1B DBV J . 12.88 -7.55 7.55
C2B DBV J . 13.97 -8.20 6.85
C3B DBV J . 15.09 -8.08 7.74
C4B DBV J . 14.60 -7.38 8.90
CHB DBV J . 15.37 -7.03 10.06
CMB DBV J . 13.98 -8.82 5.48
CAB DBV J . 16.50 -8.56 7.53
CBB DBV J . 16.74 -9.89 8.24
CGB DBV J . 15.69 -10.93 7.90
O1B DBV J . 14.98 -11.38 8.83
O2B DBV J . 15.56 -11.35 6.73
CHC DBV J . 12.42 -4.70 13.37
NC DBV J . 13.69 -5.88 11.49
C1C DBV J . 14.93 -6.38 11.25
C2C DBV J . 15.77 -6.12 12.39
C3C DBV J . 14.94 -5.48 13.37
C4C DBV J . 13.63 -5.34 12.75
CMC DBV J . 15.39 -5.00 14.72
CAC DBV J . 17.23 -6.52 12.53
CBC DBV J . 18.11 -5.31 12.28
CGC DBV J . 19.58 -5.66 12.44
O1C DBV J . 20.31 -4.85 13.09
O2C DBV J . 20.02 -6.71 11.91
ND DBV J . 12.44 -6.33 15.23
C1D DBV J . 11.59 -5.72 14.20
C2D DBV J . 10.49 -4.98 14.86
C3D DBV J . 10.69 -5.19 16.28
C4D DBV J . 11.92 -6.01 16.42
CMD DBV J . 9.36 -4.18 14.24
CAD DBV J . 9.84 -4.64 17.41
CBD DBV J . 9.16 -5.82 18.11
OD DBV J . 12.38 -6.40 17.54
CHA CYC K . 18.85 -10.86 -14.89
NA CYC K . 17.18 -8.99 -14.66
C1A CYC K . 17.88 -9.91 -15.39
C2A CYC K . 17.54 -9.78 -16.80
C3A CYC K . 16.56 -8.71 -16.86
C4A CYC K . 16.37 -8.25 -15.48
CMA CYC K . 15.88 -8.19 -18.10
CAA CYC K . 18.09 -10.59 -17.95
CBA CYC K . 17.42 -11.96 -18.01
CGA CYC K . 15.96 -11.86 -18.42
O1A CYC K . 15.10 -11.90 -17.53
O2A CYC K . 15.67 -11.74 -19.63
CHB CYC K . 15.48 -7.21 -15.04
NB CYC K . 16.04 -5.24 -16.48
C1B CYC K . 15.34 -5.84 -15.48
C2B CYC K . 14.42 -4.88 -14.91
C3B CYC K . 14.62 -3.65 -15.64
C4B CYC K . 15.65 -3.95 -16.63
CMB CYC K . 13.46 -5.14 -13.78
CAB CYC K . 13.91 -2.33 -15.44
CBB CYC K . 12.51 -2.41 -15.98
OB CYC K . 16.12 -3.10 -17.48
NC CYC K . 19.56 -12.83 -8.88
C1C CYC K . 19.66 -13.38 -7.64
C2C CYC K . 19.81 -12.26 -6.65
C3C CYC K . 19.29 -11.06 -7.42
C4C CYC K . 19.44 -11.49 -8.85
CMC CYC K . 19.07 -12.48 -5.32
CAC CYC K . 20.10 -9.85 -7.05
CBC CYC K . 19.42 -8.51 -7.39
OC CYC K . 19.61 -14.58 -7.41
CHD CYC K . 19.42 -10.73 -9.96
ND CYC K . 18.96 -10.59 -12.38
C1D CYC K . 19.64 -11.14 -11.34
C2D CYC K . 20.57 -12.13 -11.90
C3D CYC K . 20.36 -12.13 -13.32
C4D CYC K . 19.34 -11.14 -13.56
CMD CYC K . 21.55 -13.01 -11.13
CAD CYC K . 21.09 -12.96 -14.36
CBD CYC K . 22.52 -12.40 -14.40
CGD CYC K . 22.61 -11.16 -15.27
O1D CYC K . 23.46 -10.28 -15.01
O2D CYC K . 21.82 -11.09 -16.22
CHA CYC L . 11.25 16.98 10.89
NA CYC L . 12.57 16.27 8.85
C1A CYC L . 11.96 17.17 9.64
C2A CYC L . 12.12 18.50 9.05
C3A CYC L . 12.87 18.30 7.85
C4A CYC L . 13.10 16.88 7.76
CMA CYC L . 13.27 19.40 6.87
CAA CYC L . 11.61 19.78 9.66
CBA CYC L . 10.46 20.36 8.85
CGA CYC L . 9.29 19.36 8.83
O1A CYC L . 8.70 19.05 9.90
O2A CYC L . 8.96 18.90 7.72
CHB CYC L . 13.77 16.14 6.74
NB CYC L . 13.01 17.28 4.69
C1B CYC L . 13.78 16.36 5.31
C2B CYC L . 14.61 15.70 4.36
C3B CYC L . 14.27 16.28 3.09
C4B CYC L . 13.25 17.26 3.38
CMB CYC L . 15.61 14.61 4.58
CAB CYC L . 14.92 15.90 1.79
CBB CYC L . 13.98 16.00 0.62
OB CYC L . 12.64 18.06 2.58
NC CYC L . 11.87 11.75 14.71
C1C CYC L . 12.28 10.75 15.55
C2C CYC L . 12.86 9.62 14.76
C3C CYC L . 12.90 10.16 13.34
C4C CYC L . 12.14 11.46 13.42
CMC CYC L . 14.25 9.19 15.24
CAC CYC L . 12.32 9.12 12.35
CBC CYC L . 13.30 8.03 12.01
OC CYC L . 12.14 10.81 16.76
CHD CYC L . 11.81 12.28 12.37
ND CYC L . 11.67 14.58 11.42
C1D CYC L . 11.30 13.64 12.36
C2D CYC L . 10.33 14.25 13.21
C3D CYC L . 10.18 15.62 12.78
C4D CYC L . 11.08 15.75 11.66
CMD CYC L . 9.55 13.66 14.36
CAD CYC L . 9.29 16.67 13.38
CBD CYC L . 10.06 17.21 14.59
CGD CYC L . 9.27 18.25 15.35
O1D CYC L . 9.40 18.33 16.58
O2D CYC L . 8.50 19.03 14.74
#